data_6NBP
#
_entry.id   6NBP
#
_cell.length_a   75.928
_cell.length_b   75.928
_cell.length_c   87.591
_cell.angle_alpha   90.00
_cell.angle_beta   90.00
_cell.angle_gamma   120.00
#
_symmetry.space_group_name_H-M   'P 31 2 1'
#
loop_
_entity.id
_entity.type
_entity.pdbx_description
1 polymer N-formyltransferase
2 non-polymer dTDP-4-amino-4,6-dideoxyglucose
3 non-polymer 'N-{[4-({[(6R)-2-amino-5-formyl-4-oxo-1,4,5,6,7,8-hexahydropteridin-6-yl]methyl}amino)phenyl]carbonyl}-L-glutamic acid'
4 non-polymer 'SODIUM ION'
5 non-polymer 'PHOSPHATE ION'
6 water water
#
_entity_poly.entity_id   1
_entity_poly.type   'polypeptide(L)'
_entity_poly.pdbx_seq_one_letter_code
;GGHMTQVSKVATDARLTAQAQRLLVVSDNQELSLYLKEELEKQSFERPFNADFCYTSFNTNPQQMMAMGATKINIKDEFT
VERIINEYDLVFSLHCKQIFPAKLTDNVCCINFHPGLNPYNRGWYPQAFSIINGLPTGATIHLMDAEVDHGDIIDQQEVE
VKMSDTSLTVYRKVIAIEKHLISRNIFTIITRSYTTKKPQAEGNYNGIKDFNALCELDLNSIGTLDEHLKILRATTHGDF
KNAFFCDEKGRRFFVRIVIDEAF
;
_entity_poly.pdbx_strand_id   A
#
loop_
_chem_comp.id
_chem_comp.type
_chem_comp.name
_chem_comp.formula
0FX non-polymer dTDP-4-amino-4,6-dideoxyglucose 'C16 H27 N3 O14 P2'
FON non-polymer 'N-{[4-({[(6R)-2-amino-5-formyl-4-oxo-1,4,5,6,7,8-hexahydropteridin-6-yl]methyl}amino)phenyl]carbonyl}-L-glutamic acid' 'C20 H23 N7 O7'
NA non-polymer 'SODIUM ION' 'Na 1'
PO4 non-polymer 'PHOSPHATE ION' 'O4 P -3'
#
# COMPACT_ATOMS: atom_id res chain seq x y z
N LEU A 16 3.41 -25.76 3.13
CA LEU A 16 4.67 -25.07 2.75
C LEU A 16 4.91 -25.19 1.24
N THR A 17 4.54 -26.32 0.61
CA THR A 17 4.99 -26.66 -0.76
C THR A 17 3.84 -26.81 -1.76
N ALA A 18 2.62 -27.15 -1.36
CA ALA A 18 1.60 -27.48 -2.37
C ALA A 18 0.98 -26.18 -2.91
N GLN A 19 0.50 -26.25 -4.15
CA GLN A 19 -0.20 -25.14 -4.80
C GLN A 19 -1.40 -24.70 -3.96
N ALA A 20 -1.50 -23.40 -3.74
CA ALA A 20 -2.75 -22.83 -3.23
C ALA A 20 -3.87 -23.07 -4.23
N GLN A 21 -5.04 -23.47 -3.74
CA GLN A 21 -6.21 -23.72 -4.55
C GLN A 21 -7.35 -22.74 -4.22
N ARG A 22 -7.27 -22.09 -3.06
CA ARG A 22 -8.34 -21.19 -2.61
C ARG A 22 -7.74 -19.90 -2.03
N LEU A 23 -7.76 -18.85 -2.84
CA LEU A 23 -7.14 -17.56 -2.51
C LEU A 23 -8.24 -16.57 -2.16
N LEU A 24 -7.99 -15.86 -1.08
CA LEU A 24 -8.78 -14.70 -0.71
C LEU A 24 -7.90 -13.46 -0.91
N VAL A 25 -8.42 -12.54 -1.68
CA VAL A 25 -7.76 -11.24 -1.84
C VAL A 25 -8.58 -10.21 -1.07
N VAL A 26 -7.97 -9.65 -0.05
CA VAL A 26 -8.57 -8.54 0.67
C VAL A 26 -7.90 -7.24 0.21
N SER A 27 -8.71 -6.35 -0.35
CA SER A 27 -8.16 -5.15 -1.04
C SER A 27 -9.11 -3.97 -0.88
N ASP A 28 -8.53 -2.78 -0.71
CA ASP A 28 -9.28 -1.57 -0.82
C ASP A 28 -8.75 -0.71 -1.98
N ASN A 29 -8.11 -1.38 -2.95
CA ASN A 29 -7.61 -0.69 -4.14
C ASN A 29 -8.10 -1.40 -5.38
N GLN A 30 -9.04 -0.78 -6.09
CA GLN A 30 -9.67 -1.42 -7.25
C GLN A 30 -8.65 -1.57 -8.39
N GLU A 31 -7.75 -0.61 -8.51
CA GLU A 31 -6.85 -0.62 -9.66
C GLU A 31 -5.97 -1.87 -9.58
N LEU A 32 -5.40 -2.15 -8.42
CA LEU A 32 -4.50 -3.29 -8.29
C LEU A 32 -5.31 -4.59 -8.25
N SER A 33 -6.50 -4.54 -7.68
CA SER A 33 -7.40 -5.75 -7.64
C SER A 33 -7.76 -6.19 -9.06
N LEU A 34 -8.11 -5.26 -9.91
CA LEU A 34 -8.45 -5.58 -11.33
C LEU A 34 -7.22 -6.12 -12.06
N TYR A 35 -6.09 -5.46 -11.82
CA TYR A 35 -4.88 -5.91 -12.44
C TYR A 35 -4.59 -7.36 -12.02
N LEU A 36 -4.69 -7.65 -10.73
CA LEU A 36 -4.39 -9.01 -10.24
C LEU A 36 -5.39 -10.01 -10.84
N LYS A 37 -6.65 -9.66 -10.82
CA LYS A 37 -7.68 -10.56 -11.31
C LYS A 37 -7.42 -10.89 -12.78
N GLU A 38 -6.93 -9.93 -13.57
CA GLU A 38 -6.68 -10.19 -14.98
C GLU A 38 -5.41 -11.01 -15.14
N GLU A 39 -4.41 -10.73 -14.31
CA GLU A 39 -3.21 -11.55 -14.31
C GLU A 39 -3.52 -13.01 -13.92
N LEU A 40 -4.42 -13.23 -12.97
CA LEU A 40 -4.72 -14.60 -12.55
C LEU A 40 -5.44 -15.34 -13.66
N GLU A 41 -6.32 -14.67 -14.39
CA GLU A 41 -7.02 -15.26 -15.52
C GLU A 41 -6.04 -15.73 -16.60
N LYS A 42 -4.83 -15.16 -16.64
CA LYS A 42 -3.87 -15.58 -17.63
C LYS A 42 -3.10 -16.83 -17.20
N GLN A 43 -3.25 -17.28 -15.97
CA GLN A 43 -2.40 -18.35 -15.53
C GLN A 43 -3.12 -19.67 -15.84
N SER A 44 -2.33 -20.71 -15.98
CA SER A 44 -2.88 -22.06 -15.99
C SER A 44 -2.18 -22.85 -14.88
N PHE A 45 -2.97 -23.31 -13.94
CA PHE A 45 -2.44 -24.02 -12.80
C PHE A 45 -2.90 -25.48 -12.92
N GLU A 46 -2.06 -26.39 -12.47
CA GLU A 46 -2.33 -27.82 -12.62
C GLU A 46 -3.45 -28.25 -11.68
N ARG A 47 -3.45 -27.74 -10.46
CA ARG A 47 -4.50 -28.07 -9.45
C ARG A 47 -5.62 -27.03 -9.55
N PRO A 48 -6.80 -27.33 -8.99
CA PRO A 48 -7.91 -26.37 -9.07
C PRO A 48 -7.46 -25.06 -8.42
N PHE A 49 -8.02 -23.95 -8.91
CA PHE A 49 -7.69 -22.60 -8.37
C PHE A 49 -8.89 -21.64 -8.46
N ASN A 50 -9.24 -21.03 -7.33
CA ASN A 50 -10.27 -20.00 -7.31
C ASN A 50 -9.75 -18.85 -6.45
N ALA A 51 -10.09 -17.62 -6.84
CA ALA A 51 -9.80 -16.46 -6.01
C ALA A 51 -11.10 -15.68 -5.78
N ASP A 52 -11.35 -15.31 -4.51
CA ASP A 52 -12.39 -14.41 -4.15
C ASP A 52 -11.77 -13.07 -3.76
N PHE A 53 -12.46 -11.98 -4.13
CA PHE A 53 -12.05 -10.63 -3.79
C PHE A 53 -13.04 -10.02 -2.81
N CYS A 54 -12.50 -9.34 -1.80
CA CYS A 54 -13.26 -8.66 -0.80
C CYS A 54 -12.59 -7.33 -0.44
N TYR A 55 -13.37 -6.40 0.07
CA TYR A 55 -12.91 -5.09 0.49
C TYR A 55 -13.36 -4.86 1.93
N THR A 56 -12.79 -3.86 2.59
CA THR A 56 -13.08 -3.64 4.00
C THR A 56 -13.55 -2.20 4.31
N SER A 57 -13.23 -1.23 3.45
CA SER A 57 -13.09 0.22 3.90
C SER A 57 -14.23 1.06 3.33
N PHE A 58 -15.11 1.55 4.23
CA PHE A 58 -16.15 2.51 3.85
C PHE A 58 -15.52 3.84 3.42
N ASN A 59 -14.35 4.18 3.90
CA ASN A 59 -13.90 5.57 3.63
C ASN A 59 -12.89 5.61 2.46
N THR A 60 -12.65 4.47 1.76
CA THR A 60 -11.85 4.49 0.52
C THR A 60 -12.84 4.63 -0.63
N ASN A 61 -12.94 3.63 -1.50
CA ASN A 61 -13.87 3.67 -2.63
C ASN A 61 -14.62 2.35 -2.66
N PRO A 62 -15.44 2.12 -1.65
CA PRO A 62 -16.06 0.81 -1.52
C PRO A 62 -16.96 0.49 -2.71
N GLN A 63 -17.67 1.49 -3.22
CA GLN A 63 -18.55 1.19 -4.37
C GLN A 63 -17.76 0.80 -5.62
N GLN A 64 -16.56 1.33 -5.85
CA GLN A 64 -15.67 0.85 -6.92
C GLN A 64 -15.32 -0.63 -6.75
N MET A 65 -15.05 -1.05 -5.52
CA MET A 65 -14.75 -2.46 -5.25
C MET A 65 -15.99 -3.31 -5.51
N MET A 66 -17.14 -2.83 -5.07
CA MET A 66 -18.39 -3.55 -5.35
C MET A 66 -18.57 -3.73 -6.86
N ALA A 67 -18.27 -2.70 -7.61
CA ALA A 67 -18.55 -2.63 -9.04
C ALA A 67 -17.70 -3.66 -9.80
N MET A 68 -16.57 -4.08 -9.22
CA MET A 68 -15.75 -5.07 -9.84
C MET A 68 -16.05 -6.45 -9.27
N GLY A 69 -17.10 -6.59 -8.45
CA GLY A 69 -17.52 -7.91 -7.99
C GLY A 69 -17.01 -8.28 -6.59
N ALA A 70 -16.29 -7.40 -5.90
CA ALA A 70 -15.86 -7.74 -4.54
C ALA A 70 -17.00 -7.61 -3.54
N THR A 71 -16.94 -8.33 -2.43
CA THR A 71 -17.93 -8.15 -1.38
C THR A 71 -17.23 -7.69 -0.12
N LYS A 72 -18.02 -7.17 0.82
CA LYS A 72 -17.46 -6.56 2.01
C LYS A 72 -17.11 -7.65 3.03
N ILE A 73 -15.97 -7.49 3.68
CA ILE A 73 -15.54 -8.41 4.72
C ILE A 73 -15.07 -7.54 5.89
N ASN A 74 -15.26 -8.08 7.08
CA ASN A 74 -14.84 -7.40 8.28
C ASN A 74 -13.85 -8.34 9.02
N ILE A 75 -12.59 -7.97 9.00
CA ILE A 75 -11.54 -8.78 9.59
C ILE A 75 -11.55 -8.66 11.12
N LYS A 76 -12.24 -7.68 11.68
CA LYS A 76 -12.43 -7.59 13.12
C LYS A 76 -13.59 -8.48 13.59
N ASP A 77 -14.33 -9.11 12.67
CA ASP A 77 -15.31 -10.16 13.01
C ASP A 77 -14.53 -11.48 13.26
N GLU A 78 -14.51 -11.94 14.51
CA GLU A 78 -13.67 -13.07 14.88
C GLU A 78 -14.16 -14.33 14.16
N PHE A 79 -15.43 -14.38 13.84
CA PHE A 79 -15.97 -15.51 13.10
C PHE A 79 -15.50 -15.49 11.65
N THR A 80 -15.47 -14.31 11.06
CA THR A 80 -14.97 -14.16 9.70
C THR A 80 -13.55 -14.73 9.62
N VAL A 81 -12.73 -14.40 10.59
CA VAL A 81 -11.33 -14.88 10.59
C VAL A 81 -11.28 -16.40 10.66
N GLU A 82 -12.17 -17.01 11.45
CA GLU A 82 -12.16 -18.49 11.56
C GLU A 82 -12.57 -19.11 10.22
N ARG A 83 -13.53 -18.47 9.56
CA ARG A 83 -13.99 -18.93 8.28
C ARG A 83 -12.86 -18.82 7.25
N ILE A 84 -12.15 -17.70 7.29
CA ILE A 84 -11.06 -17.54 6.32
C ILE A 84 -10.05 -18.67 6.50
N ILE A 85 -9.65 -18.92 7.75
CA ILE A 85 -8.68 -19.96 8.05
C ILE A 85 -9.19 -21.32 7.58
N ASN A 86 -10.49 -21.59 7.71
CA ASN A 86 -10.99 -22.92 7.35
CA ASN A 86 -11.09 -22.89 7.36
C ASN A 86 -11.29 -22.98 5.84
N GLU A 87 -11.46 -21.84 5.17
CA GLU A 87 -11.95 -21.87 3.80
C GLU A 87 -10.88 -21.49 2.76
N TYR A 88 -9.75 -20.93 3.14
CA TYR A 88 -8.76 -20.55 2.14
C TYR A 88 -7.40 -21.11 2.53
N ASP A 89 -6.53 -21.30 1.54
CA ASP A 89 -5.18 -21.76 1.84
C ASP A 89 -4.15 -20.65 1.56
N LEU A 90 -4.59 -19.47 1.09
CA LEU A 90 -3.69 -18.33 0.90
C LEU A 90 -4.52 -17.02 0.94
N VAL A 91 -3.98 -15.99 1.59
CA VAL A 91 -4.66 -14.72 1.74
C VAL A 91 -3.66 -13.60 1.36
N PHE A 92 -4.15 -12.69 0.52
CA PHE A 92 -3.46 -11.47 0.15
C PHE A 92 -4.07 -10.26 0.85
N SER A 93 -3.17 -9.41 1.36
CA SER A 93 -3.49 -8.06 1.73
C SER A 93 -3.01 -7.13 0.61
N LEU A 94 -3.92 -6.78 -0.29
CA LEU A 94 -3.60 -5.98 -1.46
C LEU A 94 -4.09 -4.56 -1.17
N HIS A 95 -3.30 -3.83 -0.38
CA HIS A 95 -3.65 -2.51 0.07
C HIS A 95 -4.98 -2.61 0.84
N CYS A 96 -4.99 -3.60 1.73
CA CYS A 96 -6.07 -3.80 2.65
C CYS A 96 -5.94 -2.79 3.79
N LYS A 97 -7.00 -2.04 4.03
CA LYS A 97 -6.91 -1.03 5.07
C LYS A 97 -7.09 -1.64 6.48
N GLN A 98 -7.66 -2.82 6.62
CA GLN A 98 -7.83 -3.38 7.97
C GLN A 98 -6.62 -4.23 8.35
N ILE A 99 -6.24 -4.11 9.61
CA ILE A 99 -5.17 -4.87 10.25
C ILE A 99 -5.51 -6.38 10.26
N PHE A 100 -4.60 -7.25 9.83
CA PHE A 100 -4.80 -8.70 10.03
C PHE A 100 -4.34 -9.07 11.45
N PRO A 101 -5.23 -9.63 12.25
CA PRO A 101 -4.83 -10.06 13.61
C PRO A 101 -3.93 -11.31 13.57
N ALA A 102 -3.18 -11.55 14.65
CA ALA A 102 -2.29 -12.71 14.77
C ALA A 102 -3.06 -14.01 14.50
N LYS A 103 -4.29 -14.09 14.99
CA LYS A 103 -5.03 -15.31 14.80
C LYS A 103 -5.13 -15.64 13.30
N LEU A 104 -5.25 -14.61 12.46
CA LEU A 104 -5.34 -14.88 11.05
C LEU A 104 -3.94 -15.20 10.51
N THR A 105 -2.95 -14.36 10.76
CA THR A 105 -1.67 -14.55 10.08
C THR A 105 -0.99 -15.83 10.58
N ASP A 106 -1.22 -16.21 11.84
CA ASP A 106 -0.63 -17.44 12.44
C ASP A 106 -1.17 -18.70 11.80
N ASN A 107 -2.34 -18.65 11.17
CA ASN A 107 -3.05 -19.87 10.86
C ASN A 107 -3.26 -20.05 9.36
N VAL A 108 -2.92 -19.06 8.54
CA VAL A 108 -2.97 -19.23 7.11
C VAL A 108 -1.92 -18.30 6.48
N CYS A 109 -1.34 -18.69 5.37
CA CYS A 109 -0.30 -17.90 4.76
C CYS A 109 -0.91 -16.57 4.25
N CYS A 110 -0.47 -15.47 4.84
CA CYS A 110 -0.93 -14.15 4.48
C CYS A 110 0.23 -13.36 3.90
N ILE A 111 -0.01 -12.69 2.78
CA ILE A 111 1.04 -12.01 1.99
C ILE A 111 0.59 -10.57 1.75
N ASN A 112 1.45 -9.60 2.08
CA ASN A 112 1.07 -8.19 1.94
C ASN A 112 1.74 -7.59 0.70
N PHE A 113 0.97 -6.79 -0.03
CA PHE A 113 1.47 -6.04 -1.20
C PHE A 113 1.52 -4.56 -0.83
N HIS A 114 2.73 -4.09 -0.51
CA HIS A 114 2.95 -2.82 0.15
C HIS A 114 3.57 -1.80 -0.81
N PRO A 115 2.97 -0.61 -0.92
CA PRO A 115 3.45 0.42 -1.81
C PRO A 115 4.54 1.26 -1.13
N GLY A 116 5.54 0.56 -0.62
CA GLY A 116 6.79 1.17 -0.10
C GLY A 116 7.95 0.22 -0.28
N LEU A 117 9.18 0.73 -0.12
CA LEU A 117 10.35 -0.17 -0.23
C LEU A 117 10.84 -0.52 1.19
N ASN A 118 10.45 -1.69 1.66
CA ASN A 118 10.85 -2.08 3.00
C ASN A 118 12.39 -2.17 3.02
N PRO A 119 13.01 -1.80 4.13
CA PRO A 119 12.39 -1.45 5.40
C PRO A 119 12.09 0.03 5.65
N TYR A 120 12.15 0.88 4.60
CA TYR A 120 12.07 2.29 4.76
C TYR A 120 10.63 2.80 4.58
N ASN A 121 10.28 3.73 5.45
CA ASN A 121 8.95 4.41 5.40
C ASN A 121 7.87 3.35 5.29
N ARG A 122 8.02 2.33 6.09
CA ARG A 122 6.90 1.42 6.33
C ARG A 122 5.70 2.23 6.85
N GLY A 123 4.52 1.60 6.81
CA GLY A 123 3.30 2.17 7.33
C GLY A 123 2.56 2.99 6.26
N TRP A 124 2.27 4.25 6.56
CA TRP A 124 1.30 5.07 5.80
C TRP A 124 2.00 5.97 4.79
N TYR A 125 1.47 5.96 3.57
CA TYR A 125 1.90 6.84 2.44
C TYR A 125 3.43 6.92 2.33
N PRO A 126 4.06 5.81 2.02
CA PRO A 126 5.51 5.77 2.05
C PRO A 126 6.17 6.85 1.18
N GLN A 127 5.63 7.09 -0.02
CA GLN A 127 6.27 8.03 -0.97
C GLN A 127 6.22 9.45 -0.41
N ALA A 128 5.18 9.80 0.35
CA ALA A 128 5.12 11.13 0.91
C ALA A 128 6.27 11.32 1.90
N PHE A 129 6.45 10.34 2.77
CA PHE A 129 7.57 10.42 3.76
C PHE A 129 8.93 10.34 3.05
N SER A 130 9.03 9.61 1.96
CA SER A 130 10.29 9.57 1.15
C SER A 130 10.65 10.94 0.56
N ILE A 131 9.65 11.70 0.14
CA ILE A 131 9.86 13.06 -0.28
C ILE A 131 10.39 13.90 0.90
N ILE A 132 9.87 13.71 2.10
CA ILE A 132 10.36 14.44 3.27
C ILE A 132 11.78 14.00 3.64
N ASN A 133 12.02 12.70 3.78
CA ASN A 133 13.26 12.25 4.45
C ASN A 133 14.31 11.69 3.46
N GLY A 134 13.98 11.61 2.17
CA GLY A 134 14.91 11.15 1.11
C GLY A 134 15.23 9.66 1.13
N LEU A 135 14.50 8.87 1.93
CA LEU A 135 14.65 7.42 1.96
C LEU A 135 14.05 6.77 0.71
N PRO A 136 14.59 5.63 0.32
CA PRO A 136 14.20 4.90 -0.88
C PRO A 136 12.71 4.53 -0.81
N THR A 137 12.07 4.49 -1.97
CA THR A 137 10.70 3.97 -2.00
C THR A 137 10.53 3.16 -3.28
N GLY A 138 9.36 2.57 -3.38
CA GLY A 138 9.06 1.56 -4.34
C GLY A 138 7.97 0.65 -3.79
N ALA A 139 7.98 -0.63 -4.17
CA ALA A 139 6.96 -1.59 -3.74
C ALA A 139 7.64 -2.85 -3.21
N THR A 140 6.90 -3.56 -2.38
CA THR A 140 7.40 -4.75 -1.68
C THR A 140 6.27 -5.77 -1.54
N ILE A 141 6.55 -7.02 -1.84
CA ILE A 141 5.68 -8.14 -1.50
C ILE A 141 6.35 -8.90 -0.37
N HIS A 142 5.66 -9.02 0.77
CA HIS A 142 6.29 -9.65 1.97
C HIS A 142 5.27 -10.50 2.74
N LEU A 143 5.80 -11.46 3.50
CA LEU A 143 4.97 -12.30 4.38
C LEU A 143 4.48 -11.46 5.56
N MET A 144 3.33 -11.85 6.09
CA MET A 144 2.77 -11.17 7.24
C MET A 144 2.88 -12.05 8.48
N ASP A 145 3.54 -11.51 9.48
CA ASP A 145 3.92 -12.29 10.65
C ASP A 145 3.60 -11.47 11.90
N ALA A 146 2.99 -12.12 12.88
CA ALA A 146 2.65 -11.49 14.15
C ALA A 146 3.91 -11.40 15.02
N ASP A 149 6.83 -7.37 12.95
CA ASP A 149 7.01 -6.00 12.44
C ASP A 149 7.48 -6.03 10.98
N HIS A 150 8.37 -6.98 10.65
CA HIS A 150 9.09 -6.98 9.38
C HIS A 150 8.99 -8.35 8.69
N GLY A 151 7.95 -8.61 7.93
CA GLY A 151 7.87 -9.91 7.30
C GLY A 151 8.99 -10.12 6.28
N ASP A 152 9.38 -11.37 6.10
CA ASP A 152 10.37 -11.69 5.08
C ASP A 152 9.85 -11.30 3.68
N ILE A 153 10.79 -10.88 2.85
CA ILE A 153 10.45 -10.30 1.55
C ILE A 153 10.48 -11.37 0.45
N ILE A 154 9.42 -11.37 -0.37
CA ILE A 154 9.32 -12.21 -1.55
C ILE A 154 9.97 -11.50 -2.75
N ASP A 155 9.65 -10.23 -2.97
CA ASP A 155 10.28 -9.45 -4.02
C ASP A 155 10.01 -7.98 -3.67
N GLN A 156 10.83 -7.10 -4.18
CA GLN A 156 10.64 -5.65 -4.05
C GLN A 156 11.40 -4.94 -5.17
N GLN A 157 11.04 -3.70 -5.48
CA GLN A 157 11.77 -2.95 -6.48
C GLN A 157 11.63 -1.45 -6.19
N GLU A 158 12.75 -0.75 -6.30
CA GLU A 158 12.86 0.67 -6.00
C GLU A 158 12.39 1.48 -7.21
N VAL A 159 11.85 2.65 -6.93
CA VAL A 159 11.56 3.65 -7.96
C VAL A 159 12.34 4.92 -7.62
N GLU A 160 12.58 5.67 -8.67
CA GLU A 160 13.31 6.92 -8.60
C GLU A 160 12.39 8.04 -8.10
N VAL A 161 12.92 8.87 -7.22
CA VAL A 161 12.26 10.11 -6.76
C VAL A 161 13.01 11.33 -7.31
N LYS A 162 12.37 12.12 -8.18
CA LYS A 162 13.00 13.35 -8.72
C LYS A 162 12.64 14.57 -7.85
N MET A 163 13.42 15.64 -7.97
CA MET A 163 13.20 16.82 -7.13
C MET A 163 11.92 17.53 -7.55
N SER A 164 11.43 17.26 -8.73
CA SER A 164 10.19 17.78 -9.22
C SER A 164 8.99 16.92 -8.78
N ASP A 165 9.20 15.74 -8.24
CA ASP A 165 8.06 14.87 -8.02
C ASP A 165 7.25 15.32 -6.80
N THR A 166 5.96 15.07 -6.90
CA THR A 166 5.10 15.18 -5.74
C THR A 166 4.67 13.77 -5.28
N SER A 167 3.90 13.73 -4.22
CA SER A 167 3.35 12.48 -3.77
C SER A 167 2.63 11.75 -4.91
N LEU A 168 1.87 12.43 -5.76
CA LEU A 168 1.12 11.74 -6.83
C LEU A 168 2.11 11.19 -7.86
N THR A 169 3.05 11.99 -8.27
CA THR A 169 3.97 11.52 -9.31
C THR A 169 4.71 10.26 -8.86
N VAL A 170 5.20 10.25 -7.63
CA VAL A 170 5.91 9.06 -7.14
C VAL A 170 4.95 7.89 -6.97
N TYR A 171 3.75 8.18 -6.50
CA TYR A 171 2.77 7.14 -6.29
C TYR A 171 2.45 6.40 -7.58
N ARG A 172 2.31 7.12 -8.67
CA ARG A 172 2.01 6.46 -9.93
C ARG A 172 3.18 5.54 -10.31
N LYS A 173 4.40 5.92 -10.03
CA LYS A 173 5.54 5.04 -10.32
C LYS A 173 5.45 3.77 -9.47
N VAL A 174 5.10 3.94 -8.20
CA VAL A 174 5.00 2.86 -7.28
C VAL A 174 3.92 1.88 -7.76
N ILE A 175 2.74 2.39 -8.09
CA ILE A 175 1.67 1.53 -8.59
C ILE A 175 2.16 0.73 -9.81
N ALA A 176 2.83 1.39 -10.74
CA ALA A 176 3.34 0.73 -11.93
C ALA A 176 4.29 -0.40 -11.51
N ILE A 177 5.17 -0.14 -10.55
CA ILE A 177 6.13 -1.17 -10.17
C ILE A 177 5.42 -2.31 -9.41
N GLU A 178 4.40 -1.99 -8.62
CA GLU A 178 3.63 -3.03 -7.94
C GLU A 178 3.01 -4.01 -8.94
N LYS A 179 2.47 -3.45 -9.99
CA LYS A 179 1.87 -4.25 -11.02
C LYS A 179 2.92 -5.20 -11.62
N HIS A 180 4.08 -4.63 -11.91
CA HIS A 180 5.19 -5.44 -12.44
C HIS A 180 5.54 -6.60 -11.48
N LEU A 181 5.63 -6.30 -10.20
CA LEU A 181 5.97 -7.32 -9.23
C LEU A 181 4.87 -8.37 -9.19
N ILE A 182 3.62 -7.93 -9.25
CA ILE A 182 2.50 -8.87 -9.30
C ILE A 182 2.66 -9.79 -10.51
N SER A 183 2.92 -9.24 -11.70
CA SER A 183 3.10 -10.12 -12.88
C SER A 183 4.33 -11.05 -12.72
N ARG A 184 5.42 -10.55 -12.19
CA ARG A 184 6.64 -11.31 -12.04
C ARG A 184 6.48 -12.44 -11.01
N ASN A 185 5.62 -12.27 -9.99
CA ASN A 185 5.69 -13.13 -8.82
C ASN A 185 4.43 -13.99 -8.65
N ILE A 186 3.36 -13.74 -9.41
CA ILE A 186 2.08 -14.35 -9.05
C ILE A 186 2.15 -15.88 -9.20
N PHE A 187 2.85 -16.36 -10.23
CA PHE A 187 2.90 -17.82 -10.43
C PHE A 187 3.70 -18.46 -9.28
N THR A 188 4.85 -17.92 -8.97
CA THR A 188 5.63 -18.48 -7.92
C THR A 188 4.90 -18.41 -6.58
N ILE A 189 4.08 -17.37 -6.36
CA ILE A 189 3.44 -17.22 -5.06
C ILE A 189 2.36 -18.29 -4.91
N ILE A 190 1.54 -18.43 -5.92
CA ILE A 190 0.41 -19.38 -5.88
C ILE A 190 0.99 -20.82 -5.81
N THR A 191 2.10 -21.07 -6.48
CA THR A 191 2.72 -22.40 -6.41
C THR A 191 3.57 -22.58 -5.15
N ARG A 192 3.73 -21.55 -4.35
CA ARG A 192 4.47 -21.63 -3.07
C ARG A 192 5.92 -22.06 -3.35
N SER A 193 6.50 -21.57 -4.43
CA SER A 193 7.81 -21.99 -4.89
C SER A 193 8.83 -20.85 -4.78
N TYR A 194 8.70 -19.99 -3.76
CA TYR A 194 9.60 -18.86 -3.59
C TYR A 194 10.48 -19.13 -2.37
N THR A 195 11.64 -18.50 -2.37
CA THR A 195 12.45 -18.31 -1.15
C THR A 195 12.35 -16.83 -0.77
N THR A 196 12.27 -16.53 0.52
CA THR A 196 12.21 -15.14 0.95
C THR A 196 13.62 -14.67 1.36
N LYS A 197 13.80 -13.38 1.54
CA LYS A 197 15.02 -12.86 2.18
C LYS A 197 14.58 -12.09 3.42
N LYS A 198 15.43 -12.07 4.42
CA LYS A 198 15.15 -11.29 5.60
C LYS A 198 15.50 -9.83 5.31
N PRO A 199 14.77 -8.91 5.92
CA PRO A 199 15.12 -7.52 5.79
C PRO A 199 16.52 -7.31 6.40
N GLN A 200 17.28 -6.41 5.80
CA GLN A 200 18.69 -6.21 6.11
C GLN A 200 18.88 -5.02 7.07
N ALA A 201 17.82 -4.27 7.31
CA ALA A 201 17.91 -3.12 8.20
C ALA A 201 16.56 -2.96 8.87
N GLU A 202 16.54 -2.27 9.99
CA GLU A 202 15.33 -2.01 10.70
C GLU A 202 14.49 -0.96 9.96
N GLY A 203 15.14 0.08 9.42
CA GLY A 203 14.42 1.18 8.83
C GLY A 203 13.45 1.87 9.81
N ASN A 204 12.24 2.15 9.36
CA ASN A 204 11.43 3.11 10.04
C ASN A 204 9.97 2.99 9.59
N TYR A 205 9.10 3.57 10.43
CA TYR A 205 7.65 3.47 10.27
C TYR A 205 6.99 4.82 10.46
N ASN A 206 5.97 5.11 9.63
CA ASN A 206 5.20 6.35 9.78
C ASN A 206 3.71 6.02 9.82
N GLY A 207 3.01 6.73 10.69
CA GLY A 207 1.60 6.54 10.82
C GLY A 207 0.82 7.67 10.21
N ILE A 208 -0.49 7.42 10.13
CA ILE A 208 -1.44 8.37 9.66
C ILE A 208 -1.30 9.68 10.42
N LYS A 209 -1.07 9.62 11.73
CA LYS A 209 -1.01 10.85 12.51
C LYS A 209 0.23 11.66 12.10
N ASP A 210 1.27 10.98 11.63
CA ASP A 210 2.45 11.65 11.19
C ASP A 210 2.11 12.42 9.90
N PHE A 211 1.32 11.83 9.03
CA PHE A 211 0.91 12.52 7.84
C PHE A 211 0.04 13.74 8.19
N ASN A 212 -0.93 13.56 9.08
CA ASN A 212 -1.77 14.69 9.47
C ASN A 212 -0.92 15.83 10.01
N ALA A 213 0.14 15.52 10.71
CA ALA A 213 0.97 16.54 11.28
C ALA A 213 1.69 17.32 10.16
N LEU A 214 2.05 16.64 9.10
CA LEU A 214 2.66 17.30 7.96
C LEU A 214 1.65 18.30 7.39
N CYS A 215 0.36 17.89 7.36
CA CYS A 215 -0.70 18.65 6.68
C CYS A 215 -1.07 19.95 7.46
N GLU A 216 -0.95 19.89 8.78
CA GLU A 216 -1.29 21.05 9.63
C GLU A 216 -0.16 22.04 9.57
N LEU A 217 -0.18 22.93 8.58
CA LEU A 217 0.96 23.82 8.37
C LEU A 217 1.01 24.85 9.50
N ASP A 218 2.21 25.13 9.97
CA ASP A 218 2.39 26.16 10.97
C ASP A 218 3.12 27.33 10.31
N LEU A 219 2.39 28.40 10.08
CA LEU A 219 2.94 29.52 9.34
C LEU A 219 4.13 30.12 10.09
N ASN A 220 4.22 29.93 11.43
CA ASN A 220 5.26 30.60 12.26
C ASN A 220 6.53 29.75 12.30
N SER A 221 6.42 28.50 11.85
CA SER A 221 7.49 27.57 11.96
C SER A 221 8.70 28.03 11.14
N ILE A 222 9.89 27.84 11.68
CA ILE A 222 11.09 28.34 11.09
C ILE A 222 11.85 27.14 10.52
N GLY A 223 12.28 27.25 9.28
CA GLY A 223 13.05 26.19 8.66
C GLY A 223 13.65 26.63 7.35
N THR A 224 14.35 25.72 6.69
CA THR A 224 14.85 26.03 5.37
C THR A 224 13.72 25.98 4.32
N LEU A 225 13.94 26.69 3.22
CA LEU A 225 12.97 26.65 2.14
C LEU A 225 12.87 25.21 1.66
N ASP A 226 13.99 24.48 1.63
CA ASP A 226 14.01 23.09 1.22
C ASP A 226 13.02 22.28 2.05
N GLU A 227 13.07 22.46 3.38
CA GLU A 227 12.21 21.71 4.32
C GLU A 227 10.73 21.96 3.95
N HIS A 228 10.45 23.23 3.69
CA HIS A 228 9.07 23.70 3.46
C HIS A 228 8.58 23.20 2.10
N LEU A 229 9.43 23.27 1.09
CA LEU A 229 9.03 22.77 -0.22
C LEU A 229 8.78 21.26 -0.16
N LYS A 230 9.56 20.53 0.62
CA LYS A 230 9.38 19.12 0.75
C LYS A 230 8.05 18.81 1.43
N ILE A 231 7.66 19.60 2.43
CA ILE A 231 6.38 19.38 3.07
C ILE A 231 5.25 19.53 2.03
N LEU A 232 5.36 20.57 1.20
CA LEU A 232 4.33 20.81 0.21
C LEU A 232 4.35 19.69 -0.82
N ARG A 233 5.52 19.29 -1.35
CA ARG A 233 5.55 18.21 -2.32
C ARG A 233 4.96 16.92 -1.74
N ALA A 234 5.29 16.63 -0.48
CA ALA A 234 4.83 15.36 0.18
C ALA A 234 3.30 15.37 0.36
N THR A 235 2.71 16.56 0.48
CA THR A 235 1.30 16.69 0.79
C THR A 235 0.51 17.16 -0.44
N THR A 236 1.17 17.25 -1.58
CA THR A 236 0.50 17.50 -2.85
C THR A 236 0.29 16.19 -3.60
N HIS A 237 -0.98 15.88 -3.87
CA HIS A 237 -1.30 14.66 -4.49
C HIS A 237 -2.50 14.91 -5.41
N GLY A 238 -2.19 15.42 -6.59
CA GLY A 238 -3.24 15.87 -7.50
C GLY A 238 -4.08 16.92 -6.80
N ASP A 239 -5.42 16.77 -6.82
CA ASP A 239 -6.32 17.80 -6.28
C ASP A 239 -6.75 17.43 -4.85
N PHE A 240 -6.10 16.47 -4.18
CA PHE A 240 -6.46 16.24 -2.79
C PHE A 240 -6.25 17.53 -1.97
N LYS A 241 -7.14 17.80 -1.02
CA LYS A 241 -6.98 18.90 -0.08
C LYS A 241 -6.36 18.35 1.21
N ASN A 242 -5.05 18.38 1.23
CA ASN A 242 -4.26 17.80 2.31
C ASN A 242 -3.74 18.92 3.22
N ALA A 243 -2.73 19.66 2.76
CA ALA A 243 -2.04 20.63 3.58
C ALA A 243 -2.86 21.92 3.67
N PHE A 244 -2.92 22.53 4.85
CA PHE A 244 -3.69 23.75 4.99
C PHE A 244 -3.08 24.64 6.08
N PHE A 245 -3.26 25.93 5.89
CA PHE A 245 -3.09 26.88 6.99
C PHE A 245 -4.45 27.52 7.30
N CYS A 246 -4.52 28.16 8.46
CA CYS A 246 -5.74 28.84 8.89
C CYS A 246 -5.50 30.35 9.03
N ASP A 247 -6.54 31.17 8.81
CA ASP A 247 -6.51 32.64 9.18
C ASP A 247 -6.93 32.78 10.66
N GLU A 248 -7.06 34.02 11.15
CA GLU A 248 -7.34 34.27 12.59
C GLU A 248 -8.75 33.81 12.96
N LYS A 249 -9.67 33.76 12.00
CA LYS A 249 -11.01 33.19 12.24
C LYS A 249 -10.98 31.67 12.12
N GLY A 250 -9.87 31.12 11.61
CA GLY A 250 -9.63 29.66 11.45
C GLY A 250 -10.33 29.09 10.19
N ARG A 251 -10.59 29.94 9.20
CA ARG A 251 -10.89 29.42 7.87
C ARG A 251 -9.65 28.69 7.34
N ARG A 252 -9.83 27.52 6.77
CA ARG A 252 -8.66 26.75 6.26
C ARG A 252 -8.40 27.05 4.79
N PHE A 253 -7.14 27.19 4.48
CA PHE A 253 -6.67 27.43 3.15
C PHE A 253 -5.81 26.24 2.75
N PHE A 254 -6.28 25.45 1.79
CA PHE A 254 -5.53 24.28 1.31
C PHE A 254 -4.48 24.68 0.27
N VAL A 255 -3.32 24.05 0.37
CA VAL A 255 -2.17 24.38 -0.40
C VAL A 255 -1.63 23.18 -1.16
N ARG A 256 -1.31 23.40 -2.42
CA ARG A 256 -0.56 22.40 -3.16
CA ARG A 256 -0.66 22.42 -3.27
CA ARG A 256 -0.55 22.40 -3.15
CA ARG A 256 -0.68 22.42 -3.29
C ARG A 256 0.49 23.10 -4.03
N ILE A 257 1.49 22.33 -4.39
CA ILE A 257 2.64 22.85 -5.19
C ILE A 257 2.65 22.17 -6.57
N VAL A 258 3.15 22.91 -7.56
CA VAL A 258 3.35 22.39 -8.88
C VAL A 258 4.79 22.70 -9.27
N ILE A 259 5.52 21.69 -9.73
CA ILE A 259 6.92 21.86 -10.04
C ILE A 259 7.15 21.31 -11.46
N ASP A 260 7.74 22.11 -12.31
CA ASP A 260 7.94 21.70 -13.70
C ASP A 260 9.35 22.04 -14.12
N GLU A 261 9.94 21.11 -14.82
CA GLU A 261 11.19 21.33 -15.47
C GLU A 261 10.85 21.91 -16.84
N ALA A 262 11.75 22.68 -17.37
CA ALA A 262 11.55 23.24 -18.70
C ALA A 262 12.68 22.76 -19.61
N PHE A 263 12.67 23.19 -20.87
CA PHE A 263 13.84 22.86 -21.73
C PHE A 263 15.13 23.28 -21.04
O4P 0FX B . -1.94 3.34 -1.60
P2 0FX B . -2.92 2.98 -0.46
O3P 0FX B . -3.95 1.87 -0.79
O1G 0FX B . -1.98 2.59 0.76
C1G 0FX B . -2.28 2.84 2.12
C2G 0FX B . -0.97 2.90 2.87
O2G 0FX B . -0.16 3.94 2.36
C3G 0FX B . -0.25 1.56 2.71
O3G 0FX B . 1.00 1.65 3.41
C4G 0FX B . -1.17 0.50 3.29
N4A 0FX B . -0.49 -0.78 3.17
C5G 0FX B . -2.49 0.50 2.55
C6G 0FX B . -3.52 -0.49 3.13
O5G 0FX B . -3.10 1.77 2.66
OPP 0FX B . -3.70 4.25 0.15
P 0FX B . -4.85 5.20 -0.43
O1P 0FX B . -5.71 5.57 0.79
O2P 0FX B . -5.51 4.59 -1.60
O5 0FX B . -4.02 6.53 -0.84
C5 0FX B . -3.24 6.53 -2.02
C4 0FX B . -2.40 7.77 -2.04
O4 0FX B . -3.29 8.88 -2.08
C3 0FX B . -1.52 7.94 -0.81
O3 0FX B . -0.18 7.38 -0.88
C2 0FX B . -1.48 9.46 -0.65
C1 0FX B . -2.75 9.94 -1.35
N11 0FX B . -3.79 10.41 -0.44
C61 0FX B . -4.81 9.59 -0.02
C51 0FX B . -5.78 10.11 0.85
C5A 0FX B . -6.93 9.28 1.36
C21 0FX B . -3.73 11.67 -0.03
O21 0FX B . -2.76 12.46 -0.45
N31 0FX B . -4.65 12.22 0.78
C41 0FX B . -5.65 11.43 1.26
O41 0FX B . -6.56 12.01 2.05
N1 FON C . -1.94 -6.40 9.12
C2 FON C . -0.85 -6.40 9.93
NA2 FON C . -0.83 -7.23 11.01
N3 FON C . 0.24 -5.60 9.67
C4 FON C . 0.27 -4.75 8.59
O4 FON C . 1.28 -4.03 8.41
C4A FON C . -0.93 -4.73 7.68
N5 FON C . -1.09 -3.95 6.52
C6 FON C . -2.44 -3.41 6.25
C7 FON C . -3.32 -4.71 6.11
N8 FON C . -3.18 -5.65 7.21
C8A FON C . -2.06 -5.65 8.01
C9 FON C . -2.84 -2.39 7.35
CP1 FON C . -0.12 -3.77 5.73
O3 FON C . -0.26 -3.11 4.71
NA NA D . 11.45 -14.60 -4.11
P PO4 E . 12.82 20.60 -2.93
O1 PO4 E . 12.16 21.65 -3.79
O2 PO4 E . 13.37 21.27 -1.67
O3 PO4 E . 13.92 19.95 -3.75
O4 PO4 E . 11.79 19.61 -2.46
#